data_4G7W
#
_entry.id   4G7W
#
_cell.length_a   126.250
_cell.length_b   126.250
_cell.length_c   128.270
_cell.angle_alpha   90.00
_cell.angle_beta   90.00
_cell.angle_gamma   120.00
#
_symmetry.space_group_name_H-M   'P 63 2 2'
#
loop_
_entity.id
_entity.type
_entity.pdbx_description
1 polymer 'Putative uncharacterized protein'
2 water water
#
_entity_poly.entity_id   1
_entity_poly.type   'polypeptide(L)'
_entity_poly.pdbx_seq_one_letter_code
;(MSE)GSSHHHHHHSSGLVPRGSH(MSE)PSVTASAINCDPNTTTSHQLLFGFGSPIVQSVLFDGC(MSE)LDIEKDDYG
FVWSCLSNENGDYCKGLYKPRFTQGVSPNWP(MSE)CDLSGASAERCIYPYCPEGEECVPLPPSPPSDSPVDGLSSSFKS
AFNQVYKNQSE(MSE)ASTL
;
_entity_poly.pdbx_strand_id   A,B,C
#
# COMPACT_ATOMS: atom_id res chain seq x y z
N SER A 27 -11.38 -16.03 5.29
CA SER A 27 -10.35 -15.19 5.97
C SER A 27 -10.97 -14.44 7.16
N ALA A 28 -10.12 -14.00 8.09
CA ALA A 28 -10.55 -13.16 9.22
C ALA A 28 -10.97 -11.75 8.76
N ILE A 29 -11.83 -11.09 9.54
CA ILE A 29 -12.26 -9.73 9.16
C ILE A 29 -11.92 -8.69 10.24
N ASN A 30 -10.95 -7.83 9.89
CA ASN A 30 -10.52 -6.79 10.79
C ASN A 30 -11.62 -5.75 10.94
N CYS A 31 -11.73 -5.20 12.15
CA CYS A 31 -12.61 -4.09 12.40
C CYS A 31 -11.80 -2.99 13.06
N ASP A 32 -10.77 -2.54 12.37
CA ASP A 32 -9.90 -1.51 12.90
C ASP A 32 -10.26 -0.13 12.33
N PRO A 33 -10.62 0.84 13.21
CA PRO A 33 -10.90 2.23 12.78
C PRO A 33 -9.68 2.92 12.18
N ASN A 34 -8.48 2.60 12.67
CA ASN A 34 -7.25 3.23 12.20
C ASN A 34 -6.55 2.47 11.09
N THR A 35 -7.28 1.69 10.31
CA THR A 35 -6.64 0.85 9.35
C THR A 35 -6.30 1.55 8.02
N THR A 36 -5.21 1.09 7.37
CA THR A 36 -4.81 1.45 5.98
C THR A 36 -5.59 0.66 4.95
N THR A 37 -6.01 -0.55 5.31
CA THR A 37 -6.64 -1.48 4.39
C THR A 37 -8.16 -1.35 4.42
N SER A 38 -8.75 -0.73 3.39
CA SER A 38 -10.20 -0.49 3.29
C SER A 38 -10.92 -1.74 2.78
N HIS A 39 -12.25 -1.74 2.81
CA HIS A 39 -13.01 -2.89 2.40
C HIS A 39 -13.81 -2.52 1.18
N GLN A 40 -13.74 -3.36 0.15
CA GLN A 40 -14.44 -3.10 -1.12
C GLN A 40 -15.82 -3.67 -1.01
N LEU A 41 -16.84 -2.98 -1.50
CA LEU A 41 -18.16 -3.57 -1.44
C LEU A 41 -18.94 -3.33 -2.70
N LEU A 42 -19.33 -4.44 -3.32
CA LEU A 42 -20.22 -4.46 -4.47
C LEU A 42 -21.66 -4.28 -4.05
N PHE A 43 -22.37 -3.46 -4.81
CA PHE A 43 -23.82 -3.30 -4.70
C PHE A 43 -24.41 -3.44 -6.09
N GLY A 44 -25.73 -3.34 -6.22
CA GLY A 44 -26.34 -3.40 -7.54
C GLY A 44 -26.18 -2.09 -8.29
N PHE A 45 -26.01 -2.16 -9.63
CA PHE A 45 -26.00 -0.95 -10.45
C PHE A 45 -27.23 -0.10 -10.19
N GLY A 46 -27.06 1.22 -10.23
CA GLY A 46 -28.17 2.13 -10.01
C GLY A 46 -28.49 2.44 -8.56
N SER A 47 -27.83 1.78 -7.63
CA SER A 47 -27.96 2.11 -6.21
C SER A 47 -27.60 3.56 -5.98
N PRO A 48 -28.20 4.19 -4.96
CA PRO A 48 -27.66 5.45 -4.46
C PRO A 48 -26.36 5.15 -3.74
N ILE A 49 -25.56 6.19 -3.51
CA ILE A 49 -24.32 6.01 -2.77
C ILE A 49 -24.75 5.43 -1.45
N VAL A 50 -24.24 4.24 -1.10
CA VAL A 50 -24.51 3.68 0.22
C VAL A 50 -23.51 4.13 1.26
N GLN A 51 -24.05 4.76 2.29
CA GLN A 51 -23.28 5.43 3.31
C GLN A 51 -22.64 4.48 4.29
N SER A 52 -23.41 3.52 4.80
CA SER A 52 -22.95 2.63 5.86
C SER A 52 -23.50 1.21 5.70
N VAL A 53 -22.65 0.21 5.96
CA VAL A 53 -23.09 -1.17 6.03
C VAL A 53 -22.67 -1.83 7.33
N LEU A 54 -23.40 -2.86 7.70
CA LEU A 54 -22.96 -3.73 8.78
C LEU A 54 -22.42 -4.98 8.10
N PHE A 55 -21.14 -5.24 8.31
CA PHE A 55 -20.48 -6.38 7.72
C PHE A 55 -20.05 -7.40 8.78
N ASP A 56 -20.85 -8.47 8.91
CA ASP A 56 -20.55 -9.57 9.82
C ASP A 56 -20.02 -9.02 11.15
N GLY A 57 -20.83 -8.21 11.79
CA GLY A 57 -20.46 -7.67 13.09
C GLY A 57 -19.92 -6.26 13.01
N CYS A 58 -19.00 -6.04 12.06
CA CYS A 58 -18.32 -4.75 11.92
C CYS A 58 -19.24 -3.73 11.24
N LEU A 60 -19.23 -0.51 8.93
CA LEU A 60 -18.40 0.22 7.99
C LEU A 60 -19.06 1.50 7.45
N ASP A 61 -18.26 2.57 7.32
CA ASP A 61 -18.68 3.82 6.69
C ASP A 61 -17.89 4.05 5.43
N ILE A 62 -18.54 4.61 4.42
CA ILE A 62 -17.96 4.88 3.10
C ILE A 62 -16.76 5.79 3.20
N GLU A 63 -15.68 5.46 2.50
CA GLU A 63 -14.55 6.37 2.44
C GLU A 63 -14.93 7.64 1.68
N LYS A 64 -14.31 8.76 2.05
CA LYS A 64 -14.40 9.93 1.20
C LYS A 64 -13.06 10.44 0.65
N ASP A 65 -13.15 11.00 -0.54
CA ASP A 65 -12.05 11.50 -1.32
C ASP A 65 -11.89 12.99 -1.12
N ASP A 66 -10.85 13.61 -1.70
CA ASP A 66 -10.83 15.07 -1.79
C ASP A 66 -11.77 15.58 -2.90
N TYR A 67 -12.47 14.66 -3.56
CA TYR A 67 -13.47 14.98 -4.57
C TYR A 67 -14.89 14.52 -4.21
N GLY A 68 -15.04 13.57 -3.30
CA GLY A 68 -16.36 13.09 -2.96
C GLY A 68 -16.30 11.75 -2.27
N PHE A 69 -17.25 10.88 -2.57
CA PHE A 69 -17.25 9.57 -1.97
C PHE A 69 -16.52 8.55 -2.83
N VAL A 70 -15.69 7.72 -2.22
CA VAL A 70 -14.96 6.77 -3.04
C VAL A 70 -15.94 5.70 -3.50
N TRP A 71 -16.55 5.93 -4.67
CA TRP A 71 -17.76 5.19 -5.05
C TRP A 71 -18.02 5.24 -6.51
N SER A 72 -18.37 4.10 -7.08
CA SER A 72 -18.31 4.00 -8.54
C SER A 72 -19.34 3.04 -9.11
N CYS A 73 -20.22 3.56 -9.97
CA CYS A 73 -21.16 2.72 -10.68
C CYS A 73 -20.75 2.61 -12.14
N LEU A 74 -20.84 1.41 -12.67
CA LEU A 74 -20.40 1.09 -14.03
C LEU A 74 -21.35 0.12 -14.72
N SER A 75 -21.55 0.31 -16.01
CA SER A 75 -22.41 -0.56 -16.76
C SER A 75 -21.87 -0.70 -18.17
N ASN A 76 -21.72 -1.92 -18.65
CA ASN A 76 -21.50 -2.13 -20.09
C ASN A 76 -22.00 -3.49 -20.58
N GLU A 77 -21.76 -3.83 -21.85
CA GLU A 77 -22.18 -5.13 -22.41
C GLU A 77 -21.79 -6.29 -21.52
N ASN A 78 -20.65 -6.17 -20.85
CA ASN A 78 -20.09 -7.31 -20.15
C ASN A 78 -20.70 -7.51 -18.74
N GLY A 79 -20.96 -6.42 -18.04
CA GLY A 79 -21.76 -6.46 -16.83
C GLY A 79 -21.98 -5.06 -16.33
N ASP A 80 -22.54 -4.96 -15.12
CA ASP A 80 -22.78 -3.69 -14.44
C ASP A 80 -22.72 -3.87 -12.93
N TYR A 81 -22.46 -2.78 -12.21
CA TYR A 81 -22.36 -2.86 -10.76
C TYR A 81 -22.20 -1.46 -10.11
N CYS A 82 -22.30 -1.39 -8.78
CA CYS A 82 -21.81 -0.25 -8.02
C CYS A 82 -20.76 -0.68 -6.99
N LYS A 83 -19.77 0.16 -6.73
CA LYS A 83 -18.70 -0.25 -5.81
C LYS A 83 -18.19 0.90 -4.98
N GLY A 84 -17.96 0.62 -3.70
CA GLY A 84 -17.44 1.60 -2.78
C GLY A 84 -16.33 1.02 -1.93
N LEU A 85 -15.52 1.92 -1.36
CA LEU A 85 -14.53 1.58 -0.35
C LEU A 85 -15.04 2.05 0.98
N TYR A 86 -14.88 1.17 1.97
CA TYR A 86 -15.46 1.37 3.28
C TYR A 86 -14.39 1.15 4.34
N LYS A 87 -14.49 1.97 5.40
CA LYS A 87 -13.69 1.82 6.62
C LYS A 87 -14.60 1.71 7.84
N PRO A 88 -14.13 1.04 8.90
CA PRO A 88 -14.96 0.88 10.09
C PRO A 88 -14.98 2.13 10.98
N ARG A 89 -16.14 2.47 11.54
CA ARG A 89 -16.23 3.69 12.35
C ARG A 89 -15.69 3.43 13.73
N PHE A 90 -15.24 4.50 14.41
N PHE A 90 -15.27 4.51 14.41
CA PHE A 90 -14.68 4.41 15.76
CA PHE A 90 -14.66 4.42 15.73
C PHE A 90 -15.58 3.54 16.60
C PHE A 90 -15.57 3.67 16.72
N THR A 91 -16.88 3.84 16.58
CA THR A 91 -17.85 3.17 17.49
C THR A 91 -18.59 1.98 16.82
N GLN A 92 -18.72 0.88 17.55
CA GLN A 92 -19.30 -0.38 17.06
C GLN A 92 -20.21 -1.07 18.10
N GLY A 93 -20.72 -2.26 17.77
CA GLY A 93 -21.57 -3.02 18.69
C GLY A 93 -23.05 -2.70 18.54
N VAL A 94 -23.35 -1.46 18.17
CA VAL A 94 -24.70 -1.03 17.79
C VAL A 94 -25.12 -1.79 16.54
N SER A 95 -26.15 -2.63 16.69
CA SER A 95 -26.68 -3.40 15.57
C SER A 95 -28.08 -2.90 15.17
N PRO A 96 -28.15 -1.85 14.30
CA PRO A 96 -29.42 -1.22 13.95
C PRO A 96 -30.31 -2.10 13.06
N ASN A 97 -31.51 -1.61 12.74
CA ASN A 97 -32.45 -2.40 11.99
C ASN A 97 -32.56 -1.93 10.55
N TRP A 98 -31.70 -2.47 9.69
CA TRP A 98 -31.69 -2.13 8.26
C TRP A 98 -32.02 -3.31 7.40
N PRO A 99 -32.24 -3.06 6.10
CA PRO A 99 -32.45 -4.17 5.15
C PRO A 99 -31.13 -4.80 4.68
N CYS A 101 -28.34 -5.35 2.02
CA CYS A 101 -27.77 -4.73 0.84
C CYS A 101 -28.14 -5.56 -0.39
N ASP A 102 -28.55 -4.87 -1.45
CA ASP A 102 -28.94 -5.54 -2.67
C ASP A 102 -27.75 -5.52 -3.63
N LEU A 103 -27.29 -6.71 -4.02
CA LEU A 103 -26.13 -6.81 -4.93
C LEU A 103 -26.47 -6.67 -6.42
N SER A 104 -27.76 -6.76 -6.77
CA SER A 104 -28.15 -6.49 -8.14
C SER A 104 -29.29 -5.47 -8.36
N GLY A 105 -29.90 -4.99 -7.28
CA GLY A 105 -30.86 -3.88 -7.34
C GLY A 105 -30.42 -2.59 -6.65
N ALA A 106 -31.36 -1.74 -6.25
CA ALA A 106 -31.06 -0.44 -5.69
C ALA A 106 -30.44 -0.47 -4.28
N SER A 107 -30.82 -1.44 -3.46
CA SER A 107 -30.06 -1.65 -2.23
C SER A 107 -30.40 -0.78 -0.99
N ALA A 108 -30.41 0.55 -1.16
CA ALA A 108 -30.69 1.50 -0.05
C ALA A 108 -29.41 2.01 0.60
N GLU A 109 -29.51 3.11 1.34
CA GLU A 109 -28.32 3.86 1.75
C GLU A 109 -27.51 3.29 2.91
N ARG A 110 -28.20 2.63 3.84
CA ARG A 110 -27.59 1.99 4.99
C ARG A 110 -28.16 0.59 4.98
N CYS A 111 -27.30 -0.42 4.93
CA CYS A 111 -27.81 -1.78 4.90
C CYS A 111 -26.89 -2.77 5.56
N ILE A 112 -27.33 -4.01 5.58
CA ILE A 112 -26.56 -5.08 6.14
C ILE A 112 -26.12 -5.88 4.95
N TYR A 113 -24.82 -6.16 4.90
CA TYR A 113 -24.23 -6.90 3.79
C TYR A 113 -24.43 -8.41 3.95
N PRO A 114 -24.71 -9.15 2.87
CA PRO A 114 -24.70 -10.61 3.01
C PRO A 114 -23.29 -11.16 2.97
N TYR A 115 -22.93 -11.94 3.99
CA TYR A 115 -21.57 -12.43 4.18
C TYR A 115 -21.59 -13.93 4.34
N CYS A 116 -21.46 -14.67 3.25
CA CYS A 116 -21.37 -16.13 3.32
C CYS A 116 -20.07 -16.65 3.98
N PRO A 117 -20.20 -17.37 5.10
CA PRO A 117 -18.99 -17.90 5.75
C PRO A 117 -18.41 -19.13 5.04
N GLU A 118 -17.07 -19.17 4.93
CA GLU A 118 -16.33 -20.20 4.19
C GLU A 118 -16.85 -21.63 4.46
N GLY A 119 -17.73 -22.09 3.57
CA GLY A 119 -18.43 -23.38 3.71
C GLY A 119 -19.93 -23.20 3.87
N GLU A 120 -20.61 -22.80 2.80
CA GLU A 120 -22.07 -22.58 2.86
C GLU A 120 -22.68 -22.01 1.58
N GLU A 121 -23.98 -22.21 1.41
CA GLU A 121 -24.72 -21.68 0.27
C GLU A 121 -24.83 -20.16 0.30
N CYS A 122 -25.79 -19.65 1.08
CA CYS A 122 -26.01 -18.21 1.34
C CYS A 122 -26.68 -17.36 0.23
N VAL A 123 -27.86 -17.79 -0.19
CA VAL A 123 -28.73 -16.91 -0.97
C VAL A 123 -29.84 -16.41 -0.02
N PRO A 124 -30.04 -15.07 0.03
CA PRO A 124 -30.97 -14.42 0.97
C PRO A 124 -32.38 -14.99 0.91
N ALA B 28 0.93 22.57 4.64
CA ALA B 28 -0.22 22.83 5.55
C ALA B 28 -1.50 22.03 5.20
N ILE B 29 -1.37 21.09 4.23
CA ILE B 29 -2.46 20.14 3.81
C ILE B 29 -3.21 19.41 4.96
N ASN B 30 -2.67 19.55 6.18
CA ASN B 30 -3.04 18.81 7.42
C ASN B 30 -2.68 17.31 7.42
N CYS B 31 -1.40 17.03 7.63
CA CYS B 31 -0.98 15.68 7.85
C CYS B 31 -1.54 15.30 9.20
N ASP B 32 -2.76 14.81 9.21
CA ASP B 32 -3.29 14.09 10.35
C ASP B 32 -3.55 12.66 9.90
N PRO B 33 -2.83 11.68 10.46
CA PRO B 33 -3.13 10.32 10.00
C PRO B 33 -4.59 10.00 10.33
N ASN B 34 -5.06 10.47 11.47
CA ASN B 34 -6.45 10.28 11.85
C ASN B 34 -7.37 11.19 11.09
N THR B 35 -7.00 11.45 9.83
CA THR B 35 -7.83 12.20 8.91
C THR B 35 -8.98 11.37 8.38
N THR B 36 -9.95 12.09 7.84
CA THR B 36 -11.23 11.57 7.39
C THR B 36 -11.31 11.51 5.84
N THR B 37 -10.21 11.90 5.20
CA THR B 37 -10.24 12.18 3.76
C THR B 37 -9.02 11.65 3.02
N SER B 38 -9.20 10.69 2.13
CA SER B 38 -8.12 10.24 1.27
C SER B 38 -7.76 11.28 0.20
N HIS B 39 -6.57 11.12 -0.38
CA HIS B 39 -6.05 12.06 -1.37
C HIS B 39 -5.76 11.44 -2.70
N GLN B 40 -6.41 11.95 -3.75
CA GLN B 40 -6.23 11.46 -5.11
C GLN B 40 -4.92 12.02 -5.66
N LEU B 41 -4.10 11.17 -6.30
CA LEU B 41 -2.91 11.66 -7.02
C LEU B 41 -2.74 11.01 -8.38
N LEU B 42 -2.42 11.81 -9.40
CA LEU B 42 -2.18 11.28 -10.75
C LEU B 42 -0.70 11.03 -11.02
N PHE B 43 -0.41 9.94 -11.72
CA PHE B 43 0.92 9.71 -12.27
C PHE B 43 0.85 9.26 -13.75
N GLY B 44 1.93 9.49 -14.49
CA GLY B 44 2.03 9.02 -15.87
C GLY B 44 1.78 7.53 -16.03
N PHE B 45 0.99 7.16 -17.03
CA PHE B 45 0.72 5.75 -17.40
C PHE B 45 2.03 4.96 -17.48
N GLY B 46 2.01 3.69 -17.08
CA GLY B 46 3.21 2.89 -17.07
C GLY B 46 4.12 3.12 -15.86
N SER B 47 3.61 3.78 -14.82
CA SER B 47 4.37 4.00 -13.60
C SER B 47 4.17 2.76 -12.79
N PRO B 48 5.19 2.32 -12.02
CA PRO B 48 4.95 1.20 -11.11
C PRO B 48 4.09 1.74 -9.95
N ILE B 49 3.64 0.88 -9.04
CA ILE B 49 2.77 1.39 -7.98
C ILE B 49 3.62 2.29 -7.11
N VAL B 50 3.08 3.47 -6.82
CA VAL B 50 3.78 4.49 -6.07
C VAL B 50 3.32 4.40 -4.62
N GLN B 51 4.24 3.97 -3.76
CA GLN B 51 3.88 3.70 -2.37
C GLN B 51 3.88 4.91 -1.44
N SER B 52 4.85 5.82 -1.64
CA SER B 52 4.98 6.97 -0.75
C SER B 52 5.22 8.24 -1.53
N VAL B 53 4.54 9.31 -1.11
CA VAL B 53 4.67 10.62 -1.73
C VAL B 53 4.76 11.70 -0.66
N LEU B 54 5.80 12.51 -0.74
CA LEU B 54 5.87 13.72 0.07
C LEU B 54 5.05 14.72 -0.71
N PHE B 55 3.98 15.20 -0.10
CA PHE B 55 3.10 16.14 -0.77
C PHE B 55 3.04 17.40 0.07
N ASP B 56 3.59 18.48 -0.46
CA ASP B 56 3.68 19.74 0.28
C ASP B 56 4.19 19.49 1.70
N GLY B 57 5.34 18.84 1.81
CA GLY B 57 5.93 18.49 3.11
C GLY B 57 5.18 17.45 3.93
N CYS B 58 4.33 16.66 3.30
CA CYS B 58 3.53 15.73 4.03
C CYS B 58 3.69 14.30 3.57
N LEU B 60 2.71 10.87 2.62
CA LEU B 60 1.52 10.14 2.25
C LEU B 60 1.92 8.72 1.91
N ASP B 61 1.10 7.76 2.31
CA ASP B 61 1.26 6.41 1.81
C ASP B 61 0.06 6.00 0.99
N ILE B 62 0.32 5.17 0.00
CA ILE B 62 -0.74 4.57 -0.81
C ILE B 62 -1.71 3.72 0.04
N GLU B 63 -3.01 3.88 -0.19
CA GLU B 63 -4.00 3.09 0.56
C GLU B 63 -3.95 1.64 0.11
N LYS B 64 -4.46 0.72 0.93
CA LYS B 64 -4.65 -0.67 0.49
C LYS B 64 -6.12 -1.04 0.69
N ASP B 65 -6.58 -2.06 0.00
CA ASP B 65 -7.86 -2.69 0.31
C ASP B 65 -7.65 -4.19 0.31
N ASP B 66 -8.72 -4.94 0.54
CA ASP B 66 -8.61 -6.38 0.69
C ASP B 66 -8.16 -7.09 -0.61
N TYR B 67 -8.15 -6.38 -1.74
CA TYR B 67 -7.64 -6.94 -3.01
C TYR B 67 -6.19 -6.60 -3.36
N GLY B 68 -5.79 -5.40 -3.00
CA GLY B 68 -4.42 -4.97 -3.12
C GLY B 68 -4.31 -3.47 -2.84
N PHE B 69 -3.71 -2.76 -3.80
CA PHE B 69 -3.20 -1.45 -3.52
C PHE B 69 -4.15 -0.29 -3.79
N VAL B 70 -5.30 -0.47 -4.42
CA VAL B 70 -6.14 0.73 -4.76
C VAL B 70 -5.36 1.76 -5.59
N TRP B 71 -4.99 1.26 -6.76
CA TRP B 71 -4.20 1.93 -7.75
C TRP B 71 -4.65 1.33 -9.04
N SER B 72 -5.03 2.18 -9.99
CA SER B 72 -5.24 1.68 -11.34
C SER B 72 -4.41 2.44 -12.34
N CYS B 73 -3.99 1.75 -13.40
CA CYS B 73 -3.45 2.41 -14.59
C CYS B 73 -4.44 2.17 -15.74
N LEU B 74 -4.69 3.18 -16.56
CA LEU B 74 -5.75 3.10 -17.57
C LEU B 74 -5.19 3.65 -18.85
N SER B 75 -5.69 3.17 -19.97
CA SER B 75 -5.22 3.66 -21.25
C SER B 75 -6.25 3.40 -22.33
N ASN B 76 -6.60 4.43 -23.09
CA ASN B 76 -7.34 4.27 -24.36
C ASN B 76 -7.12 5.47 -25.28
N GLU B 77 -7.89 5.54 -26.37
CA GLU B 77 -8.10 6.82 -27.09
C GLU B 77 -8.91 7.61 -26.10
N ASN B 78 -8.97 8.93 -26.21
CA ASN B 78 -9.53 9.71 -25.05
C ASN B 78 -8.55 9.90 -23.89
N GLY B 79 -7.59 9.00 -23.69
CA GLY B 79 -6.45 9.30 -22.80
C GLY B 79 -5.98 8.24 -21.79
N ASP B 80 -4.92 8.57 -21.05
CA ASP B 80 -4.28 7.60 -20.17
C ASP B 80 -3.64 8.22 -18.93
N TYR B 81 -3.86 7.64 -17.74
CA TYR B 81 -3.22 8.09 -16.53
C TYR B 81 -3.33 7.04 -15.47
N CYS B 82 -2.29 6.87 -14.65
CA CYS B 82 -2.39 6.15 -13.34
C CYS B 82 -2.92 7.02 -12.20
N LYS B 83 -3.88 6.50 -11.45
CA LYS B 83 -4.43 7.16 -10.26
C LYS B 83 -4.19 6.27 -9.05
N GLY B 84 -4.10 6.88 -7.87
CA GLY B 84 -3.85 6.18 -6.63
C GLY B 84 -4.51 6.99 -5.56
N LEU B 85 -5.02 6.31 -4.54
CA LEU B 85 -5.53 6.94 -3.32
C LEU B 85 -4.50 6.91 -2.18
N TYR B 86 -4.33 8.07 -1.55
CA TYR B 86 -3.29 8.25 -0.53
C TYR B 86 -3.81 8.87 0.76
N LYS B 87 -3.08 8.61 1.83
CA LYS B 87 -3.43 9.06 3.17
C LYS B 87 -2.16 9.44 3.94
N PRO B 88 -2.26 10.43 4.85
CA PRO B 88 -1.07 10.82 5.62
C PRO B 88 -0.59 9.68 6.50
N ARG B 89 0.72 9.56 6.61
CA ARG B 89 1.33 8.50 7.38
C ARG B 89 1.30 8.90 8.86
N PHE B 90 1.25 7.90 9.73
CA PHE B 90 1.26 8.11 11.19
C PHE B 90 2.51 8.84 11.67
N THR B 91 3.65 8.49 11.09
CA THR B 91 4.89 9.17 11.45
C THR B 91 5.17 10.29 10.46
N GLN B 92 5.43 11.47 10.98
CA GLN B 92 5.72 12.63 10.14
C GLN B 92 7.11 13.20 10.53
N GLY B 93 7.31 14.52 10.40
CA GLY B 93 8.63 15.13 10.52
C GLY B 93 9.69 14.47 9.63
N VAL B 94 9.33 14.24 8.37
CA VAL B 94 10.24 13.55 7.45
C VAL B 94 10.40 14.42 6.22
N SER B 95 11.50 14.22 5.50
CA SER B 95 11.96 15.17 4.50
C SER B 95 12.99 14.51 3.61
N PRO B 96 12.59 13.45 2.91
CA PRO B 96 13.55 12.62 2.22
C PRO B 96 14.01 13.27 0.92
N ASN B 97 15.16 12.81 0.41
CA ASN B 97 15.64 13.36 -0.84
C ASN B 97 15.32 12.41 -1.94
N TRP B 98 14.20 12.72 -2.61
CA TRP B 98 13.58 11.84 -3.61
C TRP B 98 13.35 12.56 -4.91
N PRO B 99 13.19 11.82 -6.01
CA PRO B 99 12.86 12.45 -7.28
C PRO B 99 11.43 12.98 -7.34
N CYS B 101 7.79 13.28 -8.60
CA CYS B 101 6.84 12.35 -9.16
C CYS B 101 6.67 12.69 -10.62
N ASP B 102 6.70 11.67 -11.48
CA ASP B 102 6.53 11.89 -12.91
C ASP B 102 5.07 11.77 -13.27
N LEU B 103 4.53 12.86 -13.81
CA LEU B 103 3.13 12.90 -14.13
C LEU B 103 2.91 12.56 -15.59
N SER B 104 3.97 12.61 -16.40
CA SER B 104 3.88 12.24 -17.83
C SER B 104 4.41 10.84 -17.99
N GLY B 105 5.70 10.69 -17.67
CA GLY B 105 6.40 9.42 -17.78
C GLY B 105 6.16 8.49 -16.61
N ALA B 106 7.02 7.50 -16.46
CA ALA B 106 6.87 6.50 -15.42
C ALA B 106 7.48 7.08 -14.16
N SER B 107 6.69 7.13 -13.10
CA SER B 107 7.16 7.71 -11.85
C SER B 107 8.00 6.74 -11.03
N ALA B 108 8.77 7.30 -10.11
CA ALA B 108 9.50 6.52 -9.16
C ALA B 108 8.48 6.11 -8.13
N GLU B 109 8.69 4.95 -7.49
CA GLU B 109 7.71 4.41 -6.54
C GLU B 109 7.63 5.18 -5.22
N ARG B 110 8.69 5.92 -4.90
CA ARG B 110 8.65 6.90 -3.82
C ARG B 110 9.12 8.25 -4.35
N CYS B 111 8.29 9.31 -4.25
CA CYS B 111 8.66 10.59 -4.86
C CYS B 111 8.06 11.81 -4.18
N ILE B 112 8.52 13.00 -4.57
CA ILE B 112 7.97 14.25 -4.08
C ILE B 112 7.04 14.84 -5.10
N TYR B 113 5.77 15.05 -4.74
CA TYR B 113 4.76 15.54 -5.67
C TYR B 113 4.92 17.02 -5.93
N PRO B 114 4.80 17.45 -7.19
CA PRO B 114 4.89 18.88 -7.48
C PRO B 114 3.66 19.59 -6.94
N TYR B 115 3.89 20.44 -5.95
CA TYR B 115 2.88 21.28 -5.36
C TYR B 115 3.39 22.70 -5.57
N CYS B 116 2.47 23.65 -5.67
CA CYS B 116 2.80 25.08 -5.59
C CYS B 116 1.53 25.81 -5.14
N PRO B 117 1.58 26.50 -3.98
CA PRO B 117 0.41 27.28 -3.53
C PRO B 117 0.22 28.53 -4.40
N GLU B 118 -0.94 29.20 -4.29
CA GLU B 118 -1.15 30.48 -5.00
C GLU B 118 -0.06 31.44 -4.53
N GLY B 119 0.59 32.10 -5.49
CA GLY B 119 1.74 32.98 -5.21
C GLY B 119 2.86 32.80 -6.22
N GLU B 120 3.40 31.59 -6.31
CA GLU B 120 4.40 31.23 -7.33
C GLU B 120 3.72 30.66 -8.56
N GLU B 121 4.39 30.68 -9.72
CA GLU B 121 3.86 30.11 -10.97
C GLU B 121 3.81 28.57 -10.90
N CYS B 122 2.99 27.93 -11.75
CA CYS B 122 2.82 26.46 -11.66
C CYS B 122 2.99 25.66 -12.96
N VAL B 123 3.76 24.58 -12.84
CA VAL B 123 4.06 23.67 -13.96
C VAL B 123 3.02 22.56 -14.23
N PRO B 124 2.39 21.96 -13.17
CA PRO B 124 1.35 20.96 -13.52
C PRO B 124 -0.02 21.55 -13.98
N LEU B 125 -0.05 22.19 -15.15
CA LEU B 125 -1.30 22.71 -15.77
C LEU B 125 -2.24 21.58 -16.17
N SER C 27 36.66 -14.87 1.27
CA SER C 27 35.48 -14.05 1.68
C SER C 27 35.06 -14.33 3.14
N ALA C 28 35.50 -13.45 4.05
CA ALA C 28 35.00 -13.45 5.44
C ALA C 28 33.53 -13.03 5.44
N ILE C 29 32.63 -14.01 5.42
CA ILE C 29 31.18 -13.75 5.34
C ILE C 29 30.42 -14.41 6.51
N ASN C 30 31.19 -14.78 7.55
CA ASN C 30 30.80 -15.73 8.61
C ASN C 30 29.55 -15.50 9.45
N CYS C 31 28.96 -16.58 9.92
CA CYS C 31 27.81 -16.48 10.80
C CYS C 31 28.04 -16.77 12.24
N ASP C 32 28.82 -15.93 12.87
CA ASP C 32 29.00 -16.10 14.27
C ASP C 32 28.03 -15.15 14.96
N PRO C 33 26.92 -15.70 15.47
CA PRO C 33 25.94 -14.87 16.14
C PRO C 33 26.42 -14.29 17.45
N ASN C 34 27.50 -14.82 18.03
CA ASN C 34 28.01 -14.32 19.32
C ASN C 34 28.67 -12.99 19.12
N THR C 35 29.36 -12.85 18.00
CA THR C 35 30.12 -11.63 17.75
C THR C 35 29.27 -10.58 17.07
N THR C 36 28.20 -11.04 16.44
CA THR C 36 27.17 -10.15 15.87
C THR C 36 27.73 -9.06 14.96
N THR C 37 28.59 -9.45 14.01
CA THR C 37 28.96 -8.53 12.96
C THR C 37 27.75 -8.19 12.13
N SER C 38 27.71 -6.94 11.67
CA SER C 38 26.58 -6.37 10.97
C SER C 38 26.85 -6.37 9.47
N HIS C 39 25.81 -6.45 8.65
CA HIS C 39 26.00 -6.30 7.20
C HIS C 39 24.97 -5.44 6.59
N GLN C 40 25.38 -4.59 5.65
CA GLN C 40 24.46 -3.75 4.91
C GLN C 40 23.95 -4.54 3.72
N LEU C 41 22.65 -4.44 3.44
CA LEU C 41 22.06 -5.10 2.29
C LEU C 41 21.16 -4.13 1.56
N LEU C 42 21.12 -4.25 0.22
CA LEU C 42 20.28 -3.39 -0.58
C LEU C 42 19.09 -4.09 -1.18
N PHE C 43 17.99 -3.36 -1.32
CA PHE C 43 16.77 -3.87 -1.94
C PHE C 43 16.16 -2.87 -2.92
N GLY C 44 15.24 -3.36 -3.75
CA GLY C 44 14.40 -2.51 -4.59
C GLY C 44 13.84 -1.36 -3.76
N PHE C 45 13.71 -0.22 -4.41
CA PHE C 45 13.40 1.07 -3.79
C PHE C 45 11.99 1.11 -3.25
N GLY C 46 11.13 0.24 -3.75
CA GLY C 46 9.73 0.20 -3.34
C GLY C 46 9.44 -0.90 -2.34
N SER C 47 10.51 -1.37 -1.69
CA SER C 47 10.44 -2.47 -0.75
C SER C 47 9.73 -2.08 0.54
N PRO C 48 8.95 -3.00 1.12
CA PRO C 48 8.63 -2.82 2.54
C PRO C 48 9.84 -3.30 3.33
N ILE C 49 9.85 -3.05 4.63
CA ILE C 49 10.90 -3.57 5.53
C ILE C 49 11.10 -5.05 5.27
N VAL C 50 12.28 -5.38 4.78
CA VAL C 50 12.76 -6.75 4.74
C VAL C 50 13.23 -7.11 6.13
N GLN C 51 12.55 -8.06 6.76
CA GLN C 51 12.85 -8.41 8.14
C GLN C 51 13.89 -9.53 8.33
N SER C 52 14.02 -10.42 7.34
CA SER C 52 14.96 -11.52 7.41
C SER C 52 15.45 -11.89 6.03
N VAL C 53 16.75 -12.11 5.91
CA VAL C 53 17.28 -12.67 4.68
C VAL C 53 18.16 -13.84 5.05
N LEU C 54 18.27 -14.75 4.10
CA LEU C 54 19.14 -15.87 4.20
C LEU C 54 20.26 -15.54 3.27
N PHE C 55 21.42 -15.24 3.81
CA PHE C 55 22.54 -14.83 2.99
C PHE C 55 23.65 -15.85 3.06
N ASP C 56 23.96 -16.49 1.92
CA ASP C 56 25.04 -17.48 1.84
C ASP C 56 24.84 -18.48 2.96
N GLY C 57 23.66 -19.08 2.99
CA GLY C 57 23.29 -20.05 4.01
C GLY C 57 23.12 -19.54 5.43
N CYS C 58 23.11 -18.24 5.61
CA CYS C 58 22.98 -17.74 6.93
C CYS C 58 21.83 -16.80 7.19
N LEU C 60 19.84 -13.85 8.68
CA LEU C 60 20.05 -12.53 9.23
C LEU C 60 18.72 -11.92 9.58
N ASP C 61 18.69 -11.17 10.66
CA ASP C 61 17.54 -10.32 10.92
C ASP C 61 17.92 -8.84 10.92
N ILE C 62 17.01 -8.01 10.41
CA ILE C 62 17.20 -6.58 10.42
C ILE C 62 17.34 -6.10 11.85
N GLU C 63 18.29 -5.19 12.07
CA GLU C 63 18.50 -4.54 13.35
C GLU C 63 17.37 -3.60 13.69
N LYS C 64 17.00 -3.59 14.95
CA LYS C 64 16.18 -2.49 15.42
C LYS C 64 16.85 -1.73 16.55
N ASP C 65 17.20 -0.47 16.33
CA ASP C 65 17.74 0.42 17.39
C ASP C 65 16.66 1.13 18.19
N ASP C 66 17.09 1.93 19.16
CA ASP C 66 16.13 2.74 19.90
C ASP C 66 15.14 3.46 19.00
N TYR C 67 15.54 3.85 17.81
CA TYR C 67 14.65 4.72 17.06
C TYR C 67 13.68 4.01 16.13
N GLY C 68 13.95 2.74 15.82
CA GLY C 68 13.10 1.96 14.91
C GLY C 68 13.98 1.00 14.13
N PHE C 69 13.43 0.39 13.07
CA PHE C 69 14.22 -0.45 12.17
C PHE C 69 15.39 0.35 11.62
N VAL C 70 16.56 -0.27 11.56
CA VAL C 70 17.72 0.38 10.98
C VAL C 70 17.60 0.17 9.48
N TRP C 71 16.92 1.10 8.82
CA TRP C 71 16.39 0.91 7.46
C TRP C 71 16.18 2.23 6.78
N SER C 72 16.50 2.32 5.49
CA SER C 72 16.39 3.60 4.79
C SER C 72 16.17 3.51 3.29
N CYS C 73 15.07 4.08 2.81
CA CYS C 73 14.86 4.14 1.36
C CYS C 73 15.24 5.52 0.81
N LEU C 74 16.45 5.60 0.28
CA LEU C 74 16.97 6.86 -0.22
C LEU C 74 17.19 6.84 -1.74
N SER C 75 17.53 8.00 -2.29
CA SER C 75 17.59 8.18 -3.74
C SER C 75 18.78 9.08 -4.00
N ASN C 76 19.74 8.65 -4.81
CA ASN C 76 20.96 9.41 -4.96
C ASN C 76 21.76 9.00 -6.19
N GLU C 77 22.95 9.59 -6.38
CA GLU C 77 23.82 9.32 -7.53
C GLU C 77 24.00 7.83 -7.84
N ASN C 78 23.98 7.02 -6.78
CA ASN C 78 23.99 5.57 -6.92
C ASN C 78 22.76 5.01 -7.64
N GLY C 79 21.58 5.45 -7.24
CA GLY C 79 20.33 5.01 -7.83
C GLY C 79 19.31 5.23 -6.74
N ASP C 80 18.12 4.66 -6.89
CA ASP C 80 17.18 4.65 -5.78
C ASP C 80 17.14 3.24 -5.26
N TYR C 81 17.23 3.08 -3.95
CA TYR C 81 17.26 1.76 -3.33
C TYR C 81 16.87 1.86 -1.86
N CYS C 82 16.61 0.72 -1.23
CA CYS C 82 16.48 0.68 0.21
C CYS C 82 17.72 -0.01 0.73
N LYS C 83 18.05 0.32 1.96
CA LYS C 83 19.36 0.07 2.48
C LYS C 83 18.96 -0.42 3.86
N GLY C 84 19.49 -1.58 4.26
CA GLY C 84 19.24 -2.05 5.60
C GLY C 84 20.48 -2.64 6.20
N LEU C 85 20.48 -2.75 7.52
CA LEU C 85 21.57 -3.37 8.28
C LEU C 85 21.08 -4.65 8.98
N TYR C 86 21.74 -5.78 8.67
CA TYR C 86 21.33 -7.10 9.16
C TYR C 86 22.37 -7.79 10.05
N LYS C 87 21.88 -8.58 11.03
CA LYS C 87 22.73 -9.42 11.92
C LYS C 87 22.32 -10.89 11.92
N PRO C 88 23.29 -11.80 12.18
CA PRO C 88 22.98 -13.24 12.36
C PRO C 88 22.04 -13.49 13.54
N ARG C 89 21.06 -14.36 13.29
CA ARG C 89 20.09 -14.80 14.25
C ARG C 89 20.77 -15.82 15.15
N PHE C 90 20.36 -15.94 16.41
CA PHE C 90 21.06 -16.88 17.31
C PHE C 90 20.76 -18.34 17.09
N THR C 91 20.02 -18.62 16.05
CA THR C 91 19.74 -20.00 15.77
C THR C 91 19.78 -20.12 14.24
N GLN C 92 20.66 -20.99 13.74
CA GLN C 92 20.96 -21.11 12.34
C GLN C 92 20.62 -22.51 11.89
N GLY C 93 20.79 -22.79 10.60
CA GLY C 93 20.60 -24.14 10.05
C GLY C 93 19.23 -24.47 9.46
N VAL C 94 18.28 -23.53 9.50
CA VAL C 94 16.97 -23.73 8.83
C VAL C 94 17.05 -23.34 7.35
N SER C 95 16.40 -24.10 6.46
CA SER C 95 16.35 -23.71 5.03
C SER C 95 14.93 -23.38 4.57
N PRO C 96 14.46 -22.16 4.83
CA PRO C 96 13.09 -21.89 4.42
C PRO C 96 12.92 -21.79 2.89
N ASN C 97 11.76 -22.22 2.42
CA ASN C 97 11.42 -22.10 1.04
C ASN C 97 10.92 -20.67 0.81
N TRP C 98 11.87 -19.77 0.60
CA TRP C 98 11.56 -18.36 0.43
C TRP C 98 11.90 -17.84 -0.92
N PRO C 99 11.22 -16.76 -1.36
CA PRO C 99 11.56 -16.13 -2.64
C PRO C 99 12.91 -15.42 -2.60
N CYS C 101 15.29 -12.31 -2.71
CA CYS C 101 15.16 -10.88 -2.46
C CYS C 101 15.19 -10.13 -3.78
N ASP C 102 14.41 -9.05 -3.86
CA ASP C 102 14.37 -8.26 -5.07
C ASP C 102 15.21 -6.99 -4.88
N LEU C 103 16.17 -6.78 -5.76
CA LEU C 103 17.05 -5.60 -5.75
C LEU C 103 16.48 -4.48 -6.63
N SER C 104 15.54 -4.85 -7.49
CA SER C 104 14.97 -3.97 -8.49
C SER C 104 13.60 -3.51 -8.01
N GLY C 105 12.62 -4.41 -8.02
CA GLY C 105 11.28 -4.07 -7.58
C GLY C 105 11.11 -4.38 -6.12
N ALA C 106 9.88 -4.28 -5.62
CA ALA C 106 9.58 -4.40 -4.19
C ALA C 106 9.97 -5.78 -3.65
N SER C 107 10.88 -5.84 -2.68
CA SER C 107 11.32 -7.15 -2.19
C SER C 107 10.32 -7.81 -1.29
N ALA C 108 10.27 -9.13 -1.36
CA ALA C 108 9.57 -9.93 -0.37
C ALA C 108 10.20 -9.69 1.00
N GLU C 109 9.34 -9.80 2.00
CA GLU C 109 9.58 -9.41 3.37
C GLU C 109 10.65 -10.26 4.07
N ARG C 110 10.67 -11.56 3.75
CA ARG C 110 11.74 -12.47 4.18
C ARG C 110 12.13 -13.20 2.95
N CYS C 111 13.40 -13.12 2.56
CA CYS C 111 13.78 -13.62 1.26
C CYS C 111 15.21 -14.13 1.24
N ILE C 112 15.63 -14.66 0.10
CA ILE C 112 16.98 -15.16 -0.04
C ILE C 112 17.83 -14.15 -0.83
N TYR C 113 19.06 -13.88 -0.37
CA TYR C 113 19.82 -12.82 -1.01
C TYR C 113 20.71 -13.26 -2.17
N PRO C 114 20.46 -12.70 -3.37
CA PRO C 114 21.29 -13.03 -4.53
C PRO C 114 22.68 -12.46 -4.34
N TYR C 115 23.66 -13.30 -4.52
CA TYR C 115 25.02 -13.00 -4.16
C TYR C 115 25.76 -13.41 -5.43
N CYS C 116 26.90 -12.79 -5.73
CA CYS C 116 27.65 -13.14 -6.94
C CYS C 116 29.14 -12.81 -6.73
N PRO C 117 30.01 -13.86 -6.65
CA PRO C 117 31.33 -13.69 -6.03
C PRO C 117 32.36 -13.14 -7.03
N GLU C 118 33.41 -12.53 -6.46
CA GLU C 118 34.60 -12.15 -7.20
C GLU C 118 34.31 -11.76 -8.66
N GLY C 119 34.94 -12.44 -9.61
CA GLY C 119 34.78 -12.10 -11.03
C GLY C 119 33.93 -13.05 -11.85
N GLU C 120 32.67 -13.28 -11.47
CA GLU C 120 31.69 -14.06 -12.19
C GLU C 120 30.45 -13.23 -12.51
N GLU C 121 29.83 -13.39 -13.63
CA GLU C 121 28.54 -12.75 -13.92
C GLU C 121 27.40 -13.70 -13.55
N CYS C 122 26.57 -13.31 -12.57
CA CYS C 122 25.36 -14.08 -12.23
C CYS C 122 24.06 -13.31 -11.98
N VAL C 123 22.94 -14.01 -12.24
CA VAL C 123 21.57 -13.59 -11.90
C VAL C 123 20.63 -14.76 -12.25
N PRO C 124 19.60 -15.03 -11.39
CA PRO C 124 18.65 -16.16 -11.50
C PRO C 124 17.24 -15.74 -11.99
N LEU C 125 16.39 -16.62 -12.55
CA LEU C 125 16.52 -18.09 -12.77
C LEU C 125 17.69 -18.83 -12.07
#